data_7DQF
#
_entry.id   7DQF
#
_cell.length_a   61.096
_cell.length_b   68.159
_cell.length_c   102.397
_cell.angle_alpha   90.00
_cell.angle_beta   90.00
_cell.angle_gamma   90.00
#
_symmetry.space_group_name_H-M   'P 21 21 21'
#
loop_
_entity.id
_entity.type
_entity.pdbx_description
1 polymer 'DNA gyrase subunit B'
2 non-polymer 1H-benzimidazol-2-amine
3 non-polymer 'methyl 2,4-bis(oxidanyl)benzoate'
4 non-polymer 'PHOSPHATE ION'
5 water water
#
_entity_poly.entity_id   1
_entity_poly.type   'polypeptide(L)'
_entity_poly.pdbx_seq_one_letter_code
;LDAVRKRPGMYIGDTDDGTGLHHMVFEVVDNAIDEALAGHCKEIIVTIHADNSVSVQDDGRGIPTGIHPEEGVSAAEVIM
TVLHAGGKFDDNSYKVSGGLHGVGVSVVNALSQKLELVIQREGKIHRQIYEHGVPQAPLAVTGETEKTGTMVRFWPSLET
FTNVTEFEYEILAKRLRELSFLNSGVSIRLRDKRDGKEDHFHYEGG
;
_entity_poly.pdbx_strand_id   A,B
#
# COMPACT_ATOMS: atom_id res chain seq x y z
N LEU A 1 5.95 5.23 -4.16
CA LEU A 1 5.06 5.90 -3.26
C LEU A 1 5.14 5.48 -1.76
N ASP A 2 5.90 4.42 -1.47
CA ASP A 2 6.02 3.95 -0.09
C ASP A 2 6.56 5.00 0.86
N ALA A 3 7.45 5.87 0.44
CA ALA A 3 7.92 6.95 1.28
C ALA A 3 6.77 7.83 1.79
N VAL A 4 5.82 8.05 0.91
CA VAL A 4 4.66 8.85 1.22
C VAL A 4 3.73 8.16 2.17
N ARG A 5 3.46 6.90 1.88
CA ARG A 5 2.58 6.10 2.71
C ARG A 5 3.14 5.96 4.14
N LYS A 6 4.43 5.83 4.26
CA LYS A 6 5.13 5.69 5.52
C LYS A 6 5.02 6.92 6.43
N ARG A 7 5.05 8.13 5.86
CA ARG A 7 4.98 9.38 6.63
C ARG A 7 4.08 10.38 5.92
N PRO A 8 2.79 10.11 5.90
CA PRO A 8 1.88 10.91 5.05
C PRO A 8 1.85 12.37 5.49
N GLY A 9 1.86 12.59 6.80
CA GLY A 9 1.96 13.91 7.43
C GLY A 9 3.06 14.81 6.87
N MET A 10 4.20 14.23 6.57
CA MET A 10 5.35 14.97 6.03
C MET A 10 5.19 15.43 4.58
N TYR A 11 4.23 14.83 3.89
CA TYR A 11 3.97 15.18 2.54
C TYR A 11 2.73 16.01 2.35
N ILE A 12 1.67 15.71 3.06
CA ILE A 12 0.40 16.37 2.85
C ILE A 12 -0.07 17.28 3.97
N GLY A 13 0.55 17.19 5.12
CA GLY A 13 0.11 17.95 6.26
C GLY A 13 -0.58 17.07 7.27
N ASP A 14 -0.93 17.66 8.40
CA ASP A 14 -1.56 16.93 9.50
C ASP A 14 -2.72 16.07 9.13
N THR A 15 -2.58 14.78 9.36
CA THR A 15 -3.62 13.85 9.01
C THR A 15 -4.71 13.66 10.05
N ASP A 16 -4.68 14.44 11.13
CA ASP A 16 -5.69 14.28 12.14
C ASP A 16 -6.59 15.50 12.28
N ASP A 17 -6.12 16.68 11.95
CA ASP A 17 -6.94 17.86 12.14
C ASP A 17 -7.68 18.47 10.96
N GLY A 18 -7.73 17.76 9.85
CA GLY A 18 -8.40 18.24 8.66
C GLY A 18 -7.50 18.95 7.67
N THR A 19 -6.33 19.35 8.13
CA THR A 19 -5.37 20.05 7.33
C THR A 19 -4.99 19.29 6.05
N GLY A 20 -4.42 18.12 6.26
CA GLY A 20 -3.97 17.28 5.20
C GLY A 20 -5.08 16.88 4.28
N LEU A 21 -6.21 16.54 4.86
CA LEU A 21 -7.37 16.15 4.14
C LEU A 21 -7.74 17.19 3.05
N HIS A 22 -7.77 18.45 3.42
CA HIS A 22 -8.13 19.52 2.51
C HIS A 22 -7.03 19.85 1.56
N HIS A 23 -5.81 19.67 2.00
CA HIS A 23 -4.63 19.83 1.16
C HIS A 23 -4.66 18.88 -0.04
N MET A 24 -5.20 17.68 0.13
CA MET A 24 -5.39 16.73 -0.92
C MET A 24 -6.17 17.38 -2.08
N VAL A 25 -7.26 18.02 -1.76
CA VAL A 25 -8.04 18.74 -2.76
C VAL A 25 -7.23 19.84 -3.40
N PHE A 26 -6.53 20.62 -2.61
CA PHE A 26 -5.77 21.72 -3.14
C PHE A 26 -4.68 21.32 -4.09
N GLU A 27 -4.08 20.15 -3.90
CA GLU A 27 -3.02 19.71 -4.79
C GLU A 27 -3.60 19.37 -6.16
N VAL A 28 -4.74 18.69 -6.16
CA VAL A 28 -5.39 18.32 -7.39
C VAL A 28 -5.83 19.59 -8.12
N VAL A 29 -6.43 20.50 -7.40
CA VAL A 29 -6.84 21.75 -7.99
C VAL A 29 -5.70 22.52 -8.64
N ASP A 30 -4.52 22.51 -8.06
CA ASP A 30 -3.39 23.21 -8.65
C ASP A 30 -3.09 22.68 -10.04
N ASN A 31 -3.09 21.37 -10.18
CA ASN A 31 -2.87 20.76 -11.45
C ASN A 31 -3.99 21.14 -12.40
N ALA A 32 -5.20 21.07 -11.94
CA ALA A 32 -6.35 21.41 -12.74
C ALA A 32 -6.32 22.86 -13.27
N ILE A 33 -5.89 23.77 -12.44
CA ILE A 33 -5.82 25.15 -12.84
C ILE A 33 -4.80 25.33 -13.93
N ASP A 34 -3.65 24.72 -13.77
CA ASP A 34 -2.65 24.74 -14.81
C ASP A 34 -3.18 24.21 -16.14
N GLU A 35 -3.93 23.11 -16.12
CA GLU A 35 -4.52 22.55 -17.31
C GLU A 35 -5.55 23.48 -17.92
N ALA A 36 -6.35 24.09 -17.09
CA ALA A 36 -7.39 24.97 -17.57
C ALA A 36 -6.82 26.19 -18.25
N LEU A 37 -5.71 26.69 -17.75
CA LEU A 37 -5.05 27.85 -18.30
C LEU A 37 -4.63 27.66 -19.70
N ALA A 38 -4.14 26.48 -20.00
CA ALA A 38 -3.63 26.19 -21.32
C ALA A 38 -4.71 25.79 -22.30
N GLY A 39 -5.95 26.01 -21.93
CA GLY A 39 -7.05 25.66 -22.80
C GLY A 39 -7.83 26.90 -23.18
N HIS A 40 -8.94 26.70 -23.88
CA HIS A 40 -9.73 27.78 -24.35
C HIS A 40 -10.80 28.25 -23.41
N CYS A 41 -11.62 27.35 -22.89
CA CYS A 41 -12.70 27.81 -22.05
C CYS A 41 -12.37 28.20 -20.63
N LYS A 42 -11.37 27.53 -20.09
CA LYS A 42 -10.80 27.80 -18.80
C LYS A 42 -11.73 27.68 -17.62
N GLU A 43 -12.27 26.50 -17.42
CA GLU A 43 -13.14 26.22 -16.30
C GLU A 43 -12.74 24.92 -15.60
N ILE A 44 -12.83 24.94 -14.28
CA ILE A 44 -12.61 23.79 -13.46
C ILE A 44 -13.84 23.68 -12.56
N ILE A 45 -14.24 22.46 -12.25
CA ILE A 45 -15.35 22.17 -11.39
C ILE A 45 -14.90 21.25 -10.26
N VAL A 46 -15.09 21.70 -9.03
CA VAL A 46 -14.73 20.96 -7.84
C VAL A 46 -16.03 20.52 -7.16
N THR A 47 -16.20 19.22 -7.03
CA THR A 47 -17.42 18.65 -6.47
C THR A 47 -17.18 17.78 -5.25
N ILE A 48 -17.89 18.06 -4.17
CA ILE A 48 -17.83 17.25 -2.98
C ILE A 48 -19.00 16.29 -3.14
N HIS A 49 -18.69 15.03 -3.30
CA HIS A 49 -19.70 14.04 -3.47
C HIS A 49 -20.26 13.57 -2.15
N ALA A 50 -21.44 12.98 -2.21
CA ALA A 50 -22.11 12.49 -1.04
C ALA A 50 -21.37 11.38 -0.30
N ASP A 51 -20.58 10.60 -1.00
CA ASP A 51 -19.78 9.55 -0.44
C ASP A 51 -18.40 9.96 0.07
N ASN A 52 -18.24 11.20 0.47
CA ASN A 52 -16.99 11.76 1.02
C ASN A 52 -15.81 11.78 0.08
N SER A 53 -16.06 11.79 -1.22
CA SER A 53 -15.00 11.93 -2.21
C SER A 53 -15.10 13.31 -2.85
N VAL A 54 -14.03 13.74 -3.52
CA VAL A 54 -14.01 14.99 -4.24
C VAL A 54 -13.55 14.77 -5.69
N SER A 55 -14.22 15.37 -6.65
CA SER A 55 -13.76 15.31 -8.04
C SER A 55 -13.38 16.68 -8.53
N VAL A 56 -12.37 16.75 -9.39
CA VAL A 56 -11.93 17.99 -9.95
C VAL A 56 -11.87 17.78 -11.43
N GLN A 57 -12.59 18.59 -12.19
CA GLN A 57 -12.62 18.48 -13.63
C GLN A 57 -12.12 19.76 -14.24
N ASP A 58 -11.37 19.64 -15.33
CA ASP A 58 -10.99 20.78 -16.14
C ASP A 58 -11.33 20.52 -17.59
N ASP A 59 -11.39 21.61 -18.33
CA ASP A 59 -11.64 21.57 -19.78
C ASP A 59 -10.37 21.86 -20.54
N GLY A 60 -9.26 21.46 -19.99
CA GLY A 60 -7.99 21.60 -20.62
C GLY A 60 -7.73 20.63 -21.78
N ARG A 61 -6.49 20.49 -22.17
CA ARG A 61 -6.12 19.65 -23.29
C ARG A 61 -6.14 18.15 -23.01
N GLY A 62 -6.15 17.79 -21.75
CA GLY A 62 -6.06 16.42 -21.36
C GLY A 62 -4.62 16.08 -21.06
N ILE A 63 -4.36 15.41 -19.94
CA ILE A 63 -2.98 15.06 -19.72
C ILE A 63 -2.52 13.99 -20.72
N PRO A 64 -1.25 14.03 -21.06
CA PRO A 64 -0.68 13.11 -22.06
C PRO A 64 -0.93 11.66 -21.70
N THR A 65 -1.27 10.88 -22.69
CA THR A 65 -1.62 9.50 -22.47
C THR A 65 -0.61 8.51 -23.04
N GLY A 66 0.31 8.98 -23.87
CA GLY A 66 1.29 8.13 -24.46
C GLY A 66 2.26 7.45 -23.53
N ILE A 67 2.81 6.35 -23.96
CA ILE A 67 3.75 5.63 -23.16
C ILE A 67 4.99 6.43 -22.95
N HIS A 68 5.40 6.56 -21.69
CA HIS A 68 6.61 7.25 -21.31
C HIS A 68 7.77 6.40 -21.74
N PRO A 69 8.59 6.90 -22.66
CA PRO A 69 9.74 6.16 -23.20
C PRO A 69 10.60 5.48 -22.17
N GLU A 70 10.85 6.11 -21.06
CA GLU A 70 11.66 5.48 -20.08
C GLU A 70 10.96 4.63 -19.04
N GLU A 71 9.76 5.00 -18.61
CA GLU A 71 9.11 4.23 -17.58
C GLU A 71 8.36 3.07 -18.11
N GLY A 72 8.00 3.12 -19.37
CA GLY A 72 7.31 2.00 -19.95
C GLY A 72 5.83 1.85 -19.63
N VAL A 73 5.23 2.91 -19.14
CA VAL A 73 3.79 2.96 -18.87
C VAL A 73 3.31 4.31 -19.30
N SER A 74 1.99 4.49 -19.36
CA SER A 74 1.44 5.78 -19.78
C SER A 74 1.99 6.97 -18.97
N ALA A 75 2.19 8.09 -19.66
CA ALA A 75 2.70 9.30 -19.01
C ALA A 75 1.82 9.71 -17.84
N ALA A 76 0.52 9.50 -17.99
CA ALA A 76 -0.43 9.76 -16.92
C ALA A 76 -0.11 8.90 -15.72
N GLU A 77 0.18 7.61 -15.92
CA GLU A 77 0.49 6.74 -14.77
C GLU A 77 1.79 7.16 -14.12
N VAL A 78 2.76 7.58 -14.90
CA VAL A 78 4.02 8.11 -14.37
C VAL A 78 3.74 9.28 -13.43
N ILE A 79 2.89 10.20 -13.85
CA ILE A 79 2.55 11.33 -13.00
C ILE A 79 1.83 10.90 -11.71
N MET A 80 1.00 9.88 -11.80
CA MET A 80 0.23 9.39 -10.67
C MET A 80 0.99 8.54 -9.69
N THR A 81 2.11 8.00 -10.14
CA THR A 81 2.87 7.08 -9.32
C THR A 81 4.35 7.39 -9.01
N VAL A 82 4.88 8.46 -9.54
CA VAL A 82 6.26 8.79 -9.28
C VAL A 82 6.34 10.14 -8.62
N LEU A 83 7.09 10.24 -7.54
CA LEU A 83 7.23 11.48 -6.81
C LEU A 83 8.02 12.49 -7.58
N GLY A 102 4.41 22.73 -4.16
CA GLY A 102 3.69 21.70 -4.93
C GLY A 102 4.20 20.29 -4.73
N VAL A 103 3.44 19.45 -4.00
CA VAL A 103 3.88 18.07 -3.70
C VAL A 103 3.67 17.03 -4.81
N GLY A 104 2.76 17.29 -5.75
CA GLY A 104 2.49 16.37 -6.84
C GLY A 104 1.24 15.57 -6.56
N VAL A 105 0.49 15.26 -7.61
CA VAL A 105 -0.72 14.47 -7.48
C VAL A 105 -0.45 13.01 -7.06
N SER A 106 0.78 12.54 -7.27
CA SER A 106 1.15 11.20 -6.81
C SER A 106 0.96 11.02 -5.29
N VAL A 107 1.15 12.10 -4.51
CA VAL A 107 0.93 12.07 -3.07
C VAL A 107 -0.54 11.83 -2.78
N VAL A 108 -1.41 12.54 -3.48
CA VAL A 108 -2.84 12.38 -3.32
C VAL A 108 -3.28 10.94 -3.67
N ASN A 109 -2.71 10.42 -4.74
CA ASN A 109 -3.01 9.08 -5.20
C ASN A 109 -2.57 8.07 -4.13
N ALA A 110 -1.36 8.22 -3.63
CA ALA A 110 -0.85 7.31 -2.58
C ALA A 110 -1.74 7.25 -1.34
N LEU A 111 -2.30 8.39 -0.96
CA LEU A 111 -3.14 8.52 0.22
C LEU A 111 -4.61 8.43 -0.03
N SER A 112 -5.01 7.97 -1.22
CA SER A 112 -6.40 7.77 -1.51
C SER A 112 -6.70 6.31 -1.54
N GLN A 113 -7.75 5.87 -0.86
CA GLN A 113 -8.15 4.47 -0.99
C GLN A 113 -8.62 4.11 -2.41
N LYS A 114 -9.13 5.09 -3.13
CA LYS A 114 -9.49 4.95 -4.53
C LYS A 114 -9.27 6.28 -5.25
N LEU A 115 -8.88 6.21 -6.52
CA LEU A 115 -8.73 7.38 -7.37
C LEU A 115 -9.10 6.99 -8.78
N GLU A 116 -9.98 7.77 -9.39
CA GLU A 116 -10.48 7.52 -10.73
C GLU A 116 -9.98 8.64 -11.60
N LEU A 117 -9.35 8.29 -12.70
CA LEU A 117 -8.78 9.24 -13.63
C LEU A 117 -9.49 9.07 -14.96
N VAL A 118 -9.98 10.18 -15.52
CA VAL A 118 -10.62 10.21 -16.82
C VAL A 118 -9.99 11.32 -17.66
N ILE A 119 -9.38 10.96 -18.77
CA ILE A 119 -8.70 11.92 -19.65
C ILE A 119 -9.39 11.91 -21.01
N GLN A 120 -9.80 13.08 -21.48
CA GLN A 120 -10.40 13.24 -22.81
C GLN A 120 -9.39 13.97 -23.66
N ARG A 121 -8.87 13.28 -24.65
CA ARG A 121 -7.77 13.82 -25.43
C ARG A 121 -7.72 13.17 -26.79
N GLU A 122 -7.46 13.99 -27.80
CA GLU A 122 -7.25 13.51 -29.18
C GLU A 122 -8.37 12.61 -29.68
N GLY A 123 -9.60 12.99 -29.36
CA GLY A 123 -10.79 12.27 -29.80
C GLY A 123 -11.21 11.04 -29.01
N LYS A 124 -10.51 10.74 -27.91
CA LYS A 124 -10.74 9.53 -27.12
C LYS A 124 -10.88 9.78 -25.61
N ILE A 125 -11.64 8.93 -24.96
CA ILE A 125 -11.79 8.94 -23.51
C ILE A 125 -10.88 7.86 -23.01
N HIS A 126 -10.12 8.15 -21.97
CA HIS A 126 -9.21 7.20 -21.37
C HIS A 126 -9.59 7.10 -19.90
N ARG A 127 -9.55 5.90 -19.33
CA ARG A 127 -9.87 5.75 -17.90
C ARG A 127 -8.87 4.89 -17.18
N GLN A 128 -8.71 5.16 -15.88
CA GLN A 128 -7.87 4.32 -15.05
C GLN A 128 -8.29 4.48 -13.62
N ILE A 129 -8.17 3.39 -12.88
CA ILE A 129 -8.52 3.32 -11.47
C ILE A 129 -7.30 2.92 -10.68
N TYR A 130 -7.10 3.62 -9.57
CA TYR A 130 -6.07 3.32 -8.60
C TYR A 130 -6.74 2.99 -7.27
N GLU A 131 -6.07 2.17 -6.47
CA GLU A 131 -6.45 1.91 -5.07
C GLU A 131 -5.22 2.03 -4.24
N HIS A 132 -5.20 2.95 -3.30
CA HIS A 132 -4.01 3.24 -2.50
C HIS A 132 -2.77 3.52 -3.34
N GLY A 133 -2.95 4.11 -4.51
CA GLY A 133 -1.84 4.44 -5.38
C GLY A 133 -1.46 3.38 -6.37
N VAL A 134 -2.12 2.24 -6.32
CA VAL A 134 -1.78 1.09 -7.16
C VAL A 134 -2.77 1.01 -8.32
N PRO A 135 -2.27 1.08 -9.57
CA PRO A 135 -3.17 1.03 -10.70
C PRO A 135 -3.83 -0.31 -10.77
N GLN A 136 -5.11 -0.32 -11.06
CA GLN A 136 -5.85 -1.58 -11.17
C GLN A 136 -5.68 -2.20 -12.54
N ALA A 137 -5.39 -1.36 -13.53
CA ALA A 137 -5.12 -1.78 -14.89
C ALA A 137 -4.43 -0.63 -15.61
N PRO A 138 -3.82 -0.89 -16.76
CA PRO A 138 -3.23 0.21 -17.50
C PRO A 138 -4.26 1.19 -18.01
N LEU A 139 -3.84 2.42 -18.21
CA LEU A 139 -4.70 3.44 -18.82
C LEU A 139 -5.27 2.89 -20.10
N ALA A 140 -6.59 3.00 -20.25
CA ALA A 140 -7.27 2.37 -21.33
C ALA A 140 -8.23 3.32 -22.02
N VAL A 141 -8.30 3.17 -23.34
CA VAL A 141 -9.23 3.93 -24.15
C VAL A 141 -10.60 3.26 -24.03
N THR A 142 -11.62 4.01 -23.64
CA THR A 142 -12.93 3.45 -23.39
C THR A 142 -14.04 3.99 -24.31
N GLY A 143 -13.74 4.96 -25.15
CA GLY A 143 -14.74 5.52 -26.03
C GLY A 143 -14.20 6.70 -26.79
N GLU A 144 -15.09 7.35 -27.53
CA GLU A 144 -14.72 8.53 -28.31
C GLU A 144 -15.39 9.77 -27.77
N THR A 145 -14.81 10.92 -28.07
CA THR A 145 -15.35 12.18 -27.56
C THR A 145 -14.86 13.32 -28.40
N GLU A 146 -15.65 14.37 -28.42
CA GLU A 146 -15.24 15.62 -29.03
C GLU A 146 -14.59 16.54 -28.02
N LYS A 147 -14.81 16.28 -26.75
CA LYS A 147 -14.28 17.13 -25.67
C LYS A 147 -12.84 16.86 -25.31
N THR A 148 -12.23 17.80 -24.59
CA THR A 148 -10.92 17.61 -23.99
C THR A 148 -10.97 17.97 -22.52
N GLY A 149 -10.10 17.36 -21.73
CA GLY A 149 -10.04 17.67 -20.32
C GLY A 149 -9.60 16.50 -19.50
N THR A 150 -9.42 16.77 -18.21
CA THR A 150 -8.99 15.76 -17.26
C THR A 150 -9.93 15.83 -16.08
N MET A 151 -10.23 14.67 -15.50
CA MET A 151 -11.08 14.57 -14.32
C MET A 151 -10.39 13.61 -13.37
N VAL A 152 -10.23 14.01 -12.12
CA VAL A 152 -9.70 13.14 -11.08
C VAL A 152 -10.71 13.14 -9.95
N ARG A 153 -11.17 11.98 -9.53
CA ARG A 153 -12.03 11.85 -8.35
C ARG A 153 -11.31 10.97 -7.37
N PHE A 154 -11.17 11.42 -6.13
CA PHE A 154 -10.43 10.63 -5.14
C PHE A 154 -11.22 10.46 -3.84
N TRP A 155 -11.01 9.31 -3.22
CA TRP A 155 -11.64 8.96 -1.96
C TRP A 155 -10.49 8.87 -0.97
N PRO A 156 -10.35 9.83 -0.05
CA PRO A 156 -9.20 9.79 0.86
C PRO A 156 -9.19 8.55 1.72
N SER A 157 -7.98 8.03 1.96
CA SER A 157 -7.84 6.82 2.72
C SER A 157 -8.18 7.08 4.18
N LEU A 158 -9.20 6.42 4.68
CA LEU A 158 -9.58 6.50 6.10
C LEU A 158 -8.63 5.72 7.00
N GLU A 159 -7.61 5.09 6.40
CA GLU A 159 -6.51 4.50 7.12
C GLU A 159 -5.48 5.54 7.47
N THR A 160 -5.45 6.63 6.69
CA THR A 160 -4.52 7.72 6.87
C THR A 160 -5.18 8.92 7.57
N PHE A 161 -6.36 9.32 7.11
CA PHE A 161 -7.01 10.51 7.67
C PHE A 161 -7.98 10.12 8.78
N THR A 162 -7.70 10.62 9.98
CA THR A 162 -8.48 10.31 11.17
C THR A 162 -9.06 11.59 11.76
N ASN A 163 -10.06 11.43 12.62
CA ASN A 163 -10.78 12.51 13.32
C ASN A 163 -11.59 13.34 12.32
N VAL A 164 -10.95 14.29 11.65
CA VAL A 164 -11.63 15.03 10.60
C VAL A 164 -11.53 14.24 9.30
N THR A 165 -12.63 13.63 8.90
CA THR A 165 -12.63 12.83 7.68
C THR A 165 -13.63 13.29 6.66
N GLU A 166 -14.42 14.31 6.96
CA GLU A 166 -15.39 14.83 6.01
C GLU A 166 -14.92 16.19 5.55
N PHE A 167 -15.11 16.47 4.27
CA PHE A 167 -14.69 17.76 3.71
C PHE A 167 -15.58 18.89 4.20
N GLU A 168 -14.96 19.99 4.58
CA GLU A 168 -15.66 21.16 5.03
C GLU A 168 -15.76 22.10 3.83
N TYR A 169 -16.99 22.34 3.37
CA TYR A 169 -17.23 23.23 2.25
C TYR A 169 -16.50 24.58 2.32
N GLU A 170 -16.59 25.22 3.49
CA GLU A 170 -16.05 26.57 3.66
C GLU A 170 -14.52 26.62 3.59
N ILE A 171 -13.86 25.53 3.99
CA ILE A 171 -12.41 25.48 3.85
C ILE A 171 -12.05 25.47 2.38
N LEU A 172 -12.79 24.71 1.57
CA LEU A 172 -12.55 24.67 0.12
C LEU A 172 -12.88 26.00 -0.51
N ALA A 173 -14.00 26.59 -0.12
CA ALA A 173 -14.48 27.83 -0.74
C ALA A 173 -13.50 28.97 -0.57
N LYS A 174 -12.97 29.09 0.64
CA LYS A 174 -12.03 30.14 0.96
C LYS A 174 -10.80 30.09 0.05
N ARG A 175 -10.22 28.91 -0.08
CA ARG A 175 -9.04 28.73 -0.91
C ARG A 175 -9.32 28.92 -2.39
N LEU A 176 -10.45 28.42 -2.88
CA LEU A 176 -10.77 28.57 -4.29
C LEU A 176 -11.00 30.03 -4.62
N ARG A 177 -11.57 30.79 -3.67
CA ARG A 177 -11.74 32.23 -3.85
C ARG A 177 -10.40 32.89 -4.02
N GLU A 178 -9.45 32.61 -3.12
CA GLU A 178 -8.10 33.16 -3.24
C GLU A 178 -7.49 32.85 -4.60
N LEU A 179 -7.60 31.59 -5.03
CA LEU A 179 -7.05 31.19 -6.30
C LEU A 179 -7.70 31.87 -7.51
N SER A 180 -9.00 32.14 -7.47
CA SER A 180 -9.67 32.82 -8.56
C SER A 180 -9.06 34.19 -8.83
N PHE A 181 -8.71 34.95 -7.78
CA PHE A 181 -8.04 36.23 -8.03
C PHE A 181 -6.68 36.09 -8.63
N LEU A 182 -5.96 35.05 -8.24
CA LEU A 182 -4.64 34.87 -8.72
C LEU A 182 -4.62 34.35 -10.12
N ASN A 183 -5.60 33.54 -10.46
CA ASN A 183 -5.70 32.97 -11.79
C ASN A 183 -6.87 33.58 -12.50
N SER A 184 -6.78 34.85 -12.79
CA SER A 184 -7.88 35.52 -13.41
C SER A 184 -8.15 34.99 -14.76
N GLY A 185 -9.43 34.94 -15.08
CA GLY A 185 -9.83 34.41 -16.35
C GLY A 185 -10.27 32.96 -16.22
N VAL A 186 -9.86 32.27 -15.18
CA VAL A 186 -10.25 30.91 -15.00
C VAL A 186 -11.51 30.79 -14.14
N SER A 187 -12.51 30.14 -14.67
CA SER A 187 -13.71 29.96 -13.93
C SER A 187 -13.62 28.77 -12.96
N ILE A 188 -13.99 28.98 -11.70
CA ILE A 188 -13.96 27.90 -10.71
C ILE A 188 -15.33 27.70 -10.10
N ARG A 189 -15.90 26.54 -10.36
CA ARG A 189 -17.17 26.20 -9.76
C ARG A 189 -16.96 25.22 -8.62
N LEU A 190 -17.69 25.42 -7.52
CA LEU A 190 -17.66 24.52 -6.39
C LEU A 190 -19.09 24.05 -6.15
N ARG A 191 -19.27 22.73 -5.99
CA ARG A 191 -20.59 22.13 -5.73
C ARG A 191 -20.53 21.13 -4.59
N ASP A 192 -21.45 21.22 -3.64
CA ASP A 192 -21.54 20.25 -2.58
C ASP A 192 -22.79 19.45 -2.82
N LYS A 193 -22.63 18.19 -3.21
CA LYS A 193 -23.78 17.32 -3.46
C LYS A 193 -24.47 16.78 -2.23
N ARG A 194 -23.87 17.01 -1.06
CA ARG A 194 -24.45 16.60 0.21
C ARG A 194 -25.69 17.43 0.55
N ASP A 195 -25.58 18.75 0.35
CA ASP A 195 -26.65 19.69 0.70
C ASP A 195 -26.99 20.71 -0.39
N GLY A 196 -26.60 20.45 -1.63
CA GLY A 196 -26.87 21.35 -2.75
C GLY A 196 -26.16 22.71 -2.80
N LYS A 197 -25.27 22.98 -1.86
CA LYS A 197 -24.60 24.27 -1.82
C LYS A 197 -23.68 24.43 -3.02
N GLU A 198 -23.54 25.66 -3.51
CA GLU A 198 -22.65 25.92 -4.65
C GLU A 198 -22.16 27.37 -4.74
N ASP A 199 -21.01 27.52 -5.37
CA ASP A 199 -20.38 28.79 -5.60
C ASP A 199 -19.66 28.85 -6.92
N HIS A 200 -19.41 30.06 -7.36
CA HIS A 200 -18.75 30.28 -8.61
C HIS A 200 -17.77 31.39 -8.44
N PHE A 201 -16.51 31.07 -8.50
CA PHE A 201 -15.44 32.02 -8.39
C PHE A 201 -14.87 32.32 -9.78
N HIS A 202 -14.98 33.56 -10.18
CA HIS A 202 -14.48 33.99 -11.46
C HIS A 202 -14.04 35.46 -11.42
N TYR A 203 -12.75 35.70 -11.56
CA TYR A 203 -12.18 37.03 -11.53
C TYR A 203 -11.78 37.37 -12.96
N LEU B 1 8.04 -1.62 -3.18
CA LEU B 1 7.09 -2.79 -3.28
C LEU B 1 5.91 -2.60 -4.21
N ASP B 2 5.79 -1.43 -4.84
CA ASP B 2 4.66 -1.18 -5.73
C ASP B 2 4.64 -2.09 -6.96
N ALA B 3 5.79 -2.56 -7.41
CA ALA B 3 5.81 -3.53 -8.50
C ALA B 3 5.09 -4.82 -8.12
N VAL B 4 5.21 -5.22 -6.84
CA VAL B 4 4.56 -6.41 -6.35
C VAL B 4 3.07 -6.17 -6.21
N ARG B 5 2.71 -5.01 -5.67
CA ARG B 5 1.28 -4.71 -5.48
C ARG B 5 0.51 -4.64 -6.81
N LYS B 6 1.18 -4.11 -7.83
CA LYS B 6 0.59 -3.96 -9.16
C LYS B 6 0.27 -5.30 -9.86
N ARG B 7 1.14 -6.29 -9.69
CA ARG B 7 0.90 -7.63 -10.24
C ARG B 7 1.37 -8.67 -9.25
N PRO B 8 0.58 -8.93 -8.20
CA PRO B 8 0.94 -9.87 -7.14
C PRO B 8 1.16 -11.28 -7.66
N GLY B 9 0.31 -11.69 -8.61
CA GLY B 9 0.42 -13.01 -9.22
C GLY B 9 1.75 -13.34 -9.83
N MET B 10 2.43 -12.35 -10.41
CA MET B 10 3.77 -12.57 -10.95
C MET B 10 4.79 -12.94 -9.84
N TYR B 11 4.51 -12.52 -8.60
CA TYR B 11 5.44 -12.73 -7.48
C TYR B 11 5.11 -13.88 -6.55
N ILE B 12 3.82 -14.06 -6.22
CA ILE B 12 3.39 -15.08 -5.27
C ILE B 12 2.65 -16.27 -5.88
N GLY B 13 2.25 -16.17 -7.15
CA GLY B 13 1.47 -17.22 -7.78
C GLY B 13 0.00 -16.90 -7.78
N ASP B 14 -0.83 -17.89 -8.05
CA ASP B 14 -2.26 -17.72 -8.20
C ASP B 14 -2.92 -17.23 -6.93
N THR B 15 -3.51 -16.07 -7.00
CA THR B 15 -4.11 -15.46 -5.82
C THR B 15 -5.57 -15.87 -5.56
N ASP B 16 -6.10 -16.71 -6.41
CA ASP B 16 -7.48 -17.12 -6.32
C ASP B 16 -7.74 -18.57 -5.91
N ASP B 17 -6.80 -19.47 -6.16
CA ASP B 17 -6.97 -20.88 -5.89
C ASP B 17 -6.28 -21.43 -4.67
N GLY B 18 -5.79 -20.57 -3.80
CA GLY B 18 -5.14 -21.03 -2.59
C GLY B 18 -3.64 -21.33 -2.69
N THR B 19 -3.13 -21.53 -3.89
CA THR B 19 -1.72 -21.83 -4.03
C THR B 19 -0.85 -20.66 -3.57
N GLY B 20 -1.09 -19.48 -4.07
CA GLY B 20 -0.33 -18.34 -3.62
C GLY B 20 -0.48 -18.06 -2.13
N LEU B 21 -1.67 -18.24 -1.60
CA LEU B 21 -1.90 -18.05 -0.19
C LEU B 21 -0.96 -18.90 0.67
N HIS B 22 -0.86 -20.17 0.32
CA HIS B 22 -0.02 -21.07 1.06
C HIS B 22 1.44 -20.80 0.76
N HIS B 23 1.76 -20.30 -0.42
CA HIS B 23 3.13 -19.90 -0.72
C HIS B 23 3.62 -18.81 0.23
N MET B 24 2.76 -17.90 0.66
CA MET B 24 3.09 -16.92 1.66
C MET B 24 3.75 -17.61 2.89
N VAL B 25 3.12 -18.66 3.40
CA VAL B 25 3.66 -19.37 4.51
C VAL B 25 5.00 -20.01 4.19
N PHE B 26 5.08 -20.68 3.06
CA PHE B 26 6.29 -21.38 2.71
C PHE B 26 7.51 -20.45 2.56
N GLU B 27 7.29 -19.28 2.01
CA GLU B 27 8.35 -18.33 1.90
C GLU B 27 8.83 -17.94 3.30
N VAL B 28 7.92 -17.67 4.22
CA VAL B 28 8.35 -17.29 5.55
C VAL B 28 9.10 -18.46 6.21
N VAL B 29 8.58 -19.66 6.02
CA VAL B 29 9.20 -20.84 6.60
C VAL B 29 10.61 -21.02 6.05
N ASP B 30 10.81 -20.79 4.76
CA ASP B 30 12.17 -20.91 4.17
C ASP B 30 13.17 -19.99 4.90
N ASN B 31 12.78 -18.75 5.17
CA ASN B 31 13.65 -17.83 5.87
C ASN B 31 13.90 -18.30 7.30
N ALA B 32 12.87 -18.80 7.97
CA ALA B 32 12.99 -19.28 9.33
C ALA B 32 13.92 -20.49 9.45
N ILE B 33 13.82 -21.38 8.48
CA ILE B 33 14.72 -22.53 8.42
C ILE B 33 16.17 -22.08 8.26
N ASP B 34 16.41 -21.12 7.37
CA ASP B 34 17.76 -20.57 7.22
C ASP B 34 18.26 -19.96 8.54
N GLU B 35 17.40 -19.25 9.26
CA GLU B 35 17.77 -18.74 10.58
C GLU B 35 18.09 -19.86 11.57
N ALA B 36 17.20 -20.83 11.66
CA ALA B 36 17.34 -21.95 12.58
C ALA B 36 18.64 -22.73 12.36
N LEU B 37 18.98 -22.96 11.09
CA LEU B 37 20.19 -23.72 10.69
C LEU B 37 21.51 -23.08 11.07
N ALA B 38 21.50 -21.78 11.34
CA ALA B 38 22.71 -21.08 11.75
C ALA B 38 22.96 -21.20 13.25
N GLY B 39 22.11 -21.97 13.95
CA GLY B 39 22.25 -22.16 15.40
C GLY B 39 22.34 -23.63 15.77
N HIS B 40 22.48 -23.90 17.07
CA HIS B 40 22.65 -25.29 17.53
C HIS B 40 21.31 -25.98 17.82
N CYS B 41 20.46 -25.33 18.61
CA CYS B 41 19.16 -25.93 18.98
C CYS B 41 18.20 -26.14 17.83
N LYS B 42 18.07 -25.11 17.00
CA LYS B 42 17.30 -25.17 15.76
C LYS B 42 15.85 -25.61 15.92
N GLU B 43 14.97 -24.67 16.25
CA GLU B 43 13.54 -24.97 16.30
C GLU B 43 12.77 -23.83 15.67
N ILE B 44 11.78 -24.22 14.88
CA ILE B 44 10.83 -23.27 14.34
C ILE B 44 9.47 -23.77 14.74
N ILE B 45 8.56 -22.84 14.94
CA ILE B 45 7.20 -23.14 15.30
C ILE B 45 6.31 -22.38 14.36
N VAL B 46 5.44 -23.11 13.69
CA VAL B 46 4.50 -22.56 12.71
C VAL B 46 3.12 -22.72 13.33
N THR B 47 2.43 -21.61 13.52
CA THR B 47 1.13 -21.59 14.17
C THR B 47 0.07 -20.97 13.26
N ILE B 48 -1.03 -21.68 13.10
CA ILE B 48 -2.19 -21.14 12.41
C ILE B 48 -3.06 -20.58 13.51
N HIS B 49 -3.24 -19.28 13.49
CA HIS B 49 -4.03 -18.65 14.50
C HIS B 49 -5.49 -18.67 14.13
N ALA B 50 -6.34 -18.44 15.12
CA ALA B 50 -7.76 -18.45 14.94
C ALA B 50 -8.28 -17.32 14.06
N ASP B 51 -7.58 -16.21 14.02
CA ASP B 51 -7.95 -15.06 13.21
C ASP B 51 -7.43 -15.05 11.80
N ASN B 52 -7.16 -16.24 11.25
CA ASN B 52 -6.69 -16.49 9.94
C ASN B 52 -5.27 -16.00 9.60
N SER B 53 -4.48 -15.71 10.61
CA SER B 53 -3.08 -15.34 10.47
C SER B 53 -2.20 -16.54 10.77
N VAL B 54 -0.96 -16.50 10.32
CA VAL B 54 0.03 -17.55 10.57
C VAL B 54 1.27 -16.88 11.13
N SER B 55 1.84 -17.46 12.16
CA SER B 55 3.09 -16.98 12.71
C SER B 55 4.18 -18.04 12.60
N VAL B 56 5.41 -17.59 12.41
CA VAL B 56 6.54 -18.48 12.28
C VAL B 56 7.59 -17.92 13.20
N GLN B 57 8.07 -18.73 14.13
CA GLN B 57 9.08 -18.32 15.08
C GLN B 57 10.29 -19.18 14.89
N ASP B 58 11.47 -18.62 15.05
CA ASP B 58 12.68 -19.42 15.10
C ASP B 58 13.49 -18.96 16.25
N ASP B 59 14.40 -19.84 16.69
CA ASP B 59 15.30 -19.51 17.79
C ASP B 59 16.72 -19.22 17.31
N GLY B 60 16.82 -18.64 16.11
CA GLY B 60 18.07 -18.24 15.55
C GLY B 60 18.63 -16.96 16.16
N ARG B 61 19.53 -16.33 15.42
CA ARG B 61 20.26 -15.18 15.95
C ARG B 61 19.47 -13.91 16.06
N GLY B 62 18.35 -13.86 15.34
CA GLY B 62 17.55 -12.66 15.21
C GLY B 62 18.02 -11.94 13.96
N ILE B 63 17.08 -11.50 13.15
CA ILE B 63 17.38 -10.63 11.99
C ILE B 63 18.14 -9.40 12.49
N PRO B 64 19.16 -8.93 11.75
CA PRO B 64 19.91 -7.73 12.15
C PRO B 64 19.02 -6.51 12.33
N THR B 65 19.29 -5.73 13.34
CA THR B 65 18.43 -4.61 13.71
C THR B 65 19.05 -3.24 13.62
N GLY B 66 20.36 -3.15 13.38
CA GLY B 66 21.02 -1.86 13.25
C GLY B 66 20.58 -1.10 12.01
N ILE B 67 20.69 0.22 12.08
CA ILE B 67 20.32 1.09 10.99
C ILE B 67 21.24 0.84 9.81
N HIS B 68 20.66 0.60 8.64
CA HIS B 68 21.42 0.45 7.41
C HIS B 68 22.00 1.80 7.03
N PRO B 69 23.33 1.89 6.82
CA PRO B 69 23.90 3.25 6.62
C PRO B 69 23.40 4.00 5.42
N GLU B 70 22.98 3.28 4.39
CA GLU B 70 22.47 3.90 3.19
C GLU B 70 20.98 4.10 3.21
N GLU B 71 20.23 3.08 3.59
CA GLU B 71 18.78 3.16 3.56
C GLU B 71 18.23 4.06 4.67
N GLY B 72 18.96 4.15 5.77
CA GLY B 72 18.55 5.03 6.86
C GLY B 72 17.45 4.49 7.77
N VAL B 73 17.18 3.19 7.68
CA VAL B 73 16.25 2.52 8.55
C VAL B 73 16.88 1.22 8.99
N SER B 74 16.27 0.57 9.97
CA SER B 74 16.79 -0.71 10.46
C SER B 74 16.98 -1.72 9.33
N ALA B 75 18.02 -2.53 9.46
CA ALA B 75 18.29 -3.59 8.46
C ALA B 75 17.04 -4.47 8.30
N ALA B 76 16.38 -4.76 9.40
CA ALA B 76 15.14 -5.56 9.35
C ALA B 76 14.10 -4.91 8.46
N GLU B 77 13.89 -3.61 8.61
CA GLU B 77 12.95 -2.89 7.73
C GLU B 77 13.37 -2.95 6.27
N VAL B 78 14.66 -2.84 6.00
CA VAL B 78 15.13 -2.94 4.61
C VAL B 78 14.73 -4.29 4.04
N ILE B 79 14.98 -5.36 4.79
CA ILE B 79 14.63 -6.69 4.34
C ILE B 79 13.13 -6.83 4.08
N MET B 80 12.31 -6.21 4.92
CA MET B 80 10.86 -6.27 4.77
C MET B 80 10.29 -5.42 3.66
N THR B 81 11.01 -4.40 3.21
CA THR B 81 10.42 -3.40 2.31
C THR B 81 11.11 -3.19 0.96
N VAL B 82 12.16 -3.94 0.71
CA VAL B 82 12.95 -3.79 -0.50
C VAL B 82 12.93 -5.10 -1.27
N LEU B 83 12.58 -5.01 -2.55
CA LEU B 83 12.47 -6.18 -3.39
C LEU B 83 13.83 -6.72 -3.81
N GLY B 102 13.67 -18.32 -3.85
CA GLY B 102 12.70 -17.64 -2.99
C GLY B 102 12.39 -16.23 -3.46
N VAL B 103 11.18 -15.77 -3.16
CA VAL B 103 10.72 -14.48 -3.65
C VAL B 103 11.02 -13.34 -2.68
N GLY B 104 11.45 -13.68 -1.47
CA GLY B 104 11.79 -12.73 -0.44
C GLY B 104 10.58 -12.43 0.43
N VAL B 105 10.83 -12.26 1.71
CA VAL B 105 9.79 -11.94 2.67
C VAL B 105 9.11 -10.58 2.37
N SER B 106 9.80 -9.68 1.66
CA SER B 106 9.19 -8.40 1.27
C SER B 106 7.91 -8.59 0.42
N VAL B 107 7.84 -9.66 -0.38
CA VAL B 107 6.64 -9.96 -1.14
C VAL B 107 5.52 -10.30 -0.18
N VAL B 108 5.82 -11.14 0.78
CA VAL B 108 4.85 -11.55 1.77
C VAL B 108 4.30 -10.32 2.53
N ASN B 109 5.20 -9.45 2.93
CA ASN B 109 4.86 -8.24 3.66
C ASN B 109 3.96 -7.37 2.77
N ALA B 110 4.33 -7.18 1.51
CA ALA B 110 3.53 -6.37 0.58
C ALA B 110 2.10 -6.86 0.44
N LEU B 111 1.92 -8.18 0.36
CA LEU B 111 0.63 -8.78 0.23
C LEU B 111 -0.05 -9.17 1.54
N SER B 112 0.41 -8.63 2.66
CA SER B 112 -0.23 -8.87 3.93
C SER B 112 -0.93 -7.63 4.43
N GLN B 113 -2.19 -7.74 4.83
CA GLN B 113 -2.87 -6.57 5.39
C GLN B 113 -2.25 -6.13 6.73
N LYS B 114 -1.63 -7.09 7.42
CA LYS B 114 -0.87 -6.80 8.61
C LYS B 114 0.27 -7.78 8.72
N LEU B 115 1.39 -7.31 9.25
CA LEU B 115 2.53 -8.17 9.55
C LEU B 115 3.17 -7.68 10.81
N GLU B 116 3.37 -8.58 11.77
CA GLU B 116 3.98 -8.26 13.04
C GLU B 116 5.36 -8.90 13.09
N LEU B 117 6.36 -8.11 13.44
CA LEU B 117 7.73 -8.57 13.51
C LEU B 117 8.29 -8.39 14.93
N VAL B 118 8.82 -9.48 15.49
CA VAL B 118 9.45 -9.44 16.80
C VAL B 118 10.82 -10.09 16.71
N ILE B 119 11.87 -9.35 17.00
CA ILE B 119 13.22 -9.85 16.93
C ILE B 119 13.85 -9.80 18.30
N GLN B 120 14.38 -10.92 18.77
CA GLN B 120 15.11 -10.98 20.04
C GLN B 120 16.58 -11.15 19.72
N ARG B 121 17.37 -10.19 20.17
CA ARG B 121 18.75 -10.08 19.74
C ARG B 121 19.51 -9.14 20.65
N GLU B 122 20.70 -9.56 21.04
CA GLU B 122 21.59 -8.77 21.92
C GLU B 122 20.93 -8.33 23.21
N GLY B 123 20.15 -9.24 23.79
CA GLY B 123 19.43 -8.96 25.01
C GLY B 123 18.21 -8.07 24.91
N LYS B 124 17.81 -7.71 23.69
CA LYS B 124 16.70 -6.80 23.47
C LYS B 124 15.59 -7.38 22.60
N ILE B 125 14.36 -7.00 22.95
CA ILE B 125 13.17 -7.32 22.17
C ILE B 125 12.92 -6.13 21.24
N HIS B 126 12.81 -6.37 19.94
CA HIS B 126 12.49 -5.35 18.95
C HIS B 126 11.15 -5.69 18.30
N ARG B 127 10.30 -4.69 18.09
CA ARG B 127 8.96 -4.93 17.55
C ARG B 127 8.63 -3.93 16.48
N GLN B 128 7.91 -4.38 15.47
CA GLN B 128 7.46 -3.49 14.43
C GLN B 128 6.22 -4.07 13.79
N ILE B 129 5.33 -3.20 13.34
CA ILE B 129 4.09 -3.59 12.69
C ILE B 129 4.07 -2.98 11.31
N TYR B 130 3.64 -3.76 10.33
CA TYR B 130 3.43 -3.30 8.97
C TYR B 130 1.96 -3.50 8.63
N GLU B 131 1.44 -2.66 7.72
CA GLU B 131 0.14 -2.88 7.14
C GLU B 131 0.29 -2.66 5.63
N HIS B 132 -0.03 -3.70 4.85
CA HIS B 132 0.18 -3.69 3.38
C HIS B 132 1.60 -3.32 2.99
N GLY B 133 2.56 -3.75 3.83
CA GLY B 133 3.95 -3.50 3.59
C GLY B 133 4.49 -2.17 4.07
N VAL B 134 3.63 -1.34 4.65
CA VAL B 134 4.00 -0.03 5.12
C VAL B 134 4.25 -0.11 6.61
N PRO B 135 5.46 0.22 7.06
CA PRO B 135 5.76 0.17 8.50
C PRO B 135 4.98 1.23 9.25
N GLN B 136 4.35 0.86 10.37
CA GLN B 136 3.55 1.81 11.14
C GLN B 136 4.39 2.73 12.01
N ALA B 137 5.58 2.25 12.37
CA ALA B 137 6.56 3.02 13.12
C ALA B 137 7.90 2.35 12.90
N PRO B 138 8.98 3.03 13.25
CA PRO B 138 10.28 2.39 13.12
C PRO B 138 10.46 1.27 14.08
N LEU B 139 11.32 0.32 13.74
CA LEU B 139 11.64 -0.78 14.62
C LEU B 139 12.07 -0.25 16.00
N ALA B 140 11.41 -0.73 17.05
CA ALA B 140 11.58 -0.19 18.41
C ALA B 140 12.03 -1.24 19.41
N VAL B 141 12.96 -0.88 20.28
CA VAL B 141 13.36 -1.75 21.38
C VAL B 141 12.33 -1.54 22.46
N THR B 142 11.55 -2.56 22.76
CA THR B 142 10.48 -2.44 23.72
C THR B 142 10.75 -3.20 25.01
N GLY B 143 11.85 -3.92 25.09
CA GLY B 143 12.19 -4.67 26.27
C GLY B 143 13.45 -5.49 26.28
N GLU B 144 13.57 -6.34 27.27
CA GLU B 144 14.73 -7.19 27.43
C GLU B 144 14.41 -8.67 27.33
N THR B 145 15.40 -9.46 26.95
CA THR B 145 15.22 -10.88 26.81
C THR B 145 16.53 -11.60 26.89
N GLU B 146 16.50 -12.84 27.31
CA GLU B 146 17.71 -13.66 27.35
C GLU B 146 17.76 -14.63 26.18
N LYS B 147 16.72 -14.61 25.38
CA LYS B 147 16.55 -15.41 24.20
C LYS B 147 16.91 -14.69 22.91
N THR B 148 17.07 -15.46 21.85
CA THR B 148 17.31 -14.90 20.54
C THR B 148 16.34 -15.53 19.53
N GLY B 149 16.04 -14.82 18.46
CA GLY B 149 15.18 -15.35 17.41
C GLY B 149 14.35 -14.31 16.69
N THR B 150 13.59 -14.78 15.73
CA THR B 150 12.75 -13.91 14.91
C THR B 150 11.37 -14.54 14.85
N MET B 151 10.35 -13.71 14.99
CA MET B 151 8.98 -14.13 14.84
C MET B 151 8.31 -13.21 13.81
N VAL B 152 7.64 -13.80 12.83
CA VAL B 152 6.84 -13.06 11.84
C VAL B 152 5.46 -13.65 11.86
N ARG B 153 4.47 -12.79 12.05
CA ARG B 153 3.08 -13.19 11.98
C ARG B 153 2.43 -12.34 10.95
N PHE B 154 1.76 -12.96 10.00
CA PHE B 154 1.12 -12.19 8.96
C PHE B 154 -0.32 -12.56 8.74
N TRP B 155 -1.09 -11.55 8.31
CA TRP B 155 -2.48 -11.65 7.99
C TRP B 155 -2.54 -11.36 6.50
N PRO B 156 -2.82 -12.36 5.67
CA PRO B 156 -2.86 -12.18 4.22
C PRO B 156 -3.89 -11.14 3.82
N SER B 157 -3.54 -10.33 2.84
CA SER B 157 -4.46 -9.29 2.41
C SER B 157 -5.63 -9.89 1.67
N LEU B 158 -6.83 -9.66 2.19
CA LEU B 158 -8.05 -10.11 1.54
C LEU B 158 -8.46 -9.23 0.34
N GLU B 159 -7.72 -8.15 0.11
CA GLU B 159 -7.83 -7.40 -1.14
C GLU B 159 -7.07 -8.13 -2.24
N THR B 160 -6.07 -8.93 -1.87
CA THR B 160 -5.30 -9.70 -2.84
C THR B 160 -5.78 -11.14 -2.96
N PHE B 161 -5.96 -11.82 -1.83
CA PHE B 161 -6.25 -13.24 -1.81
C PHE B 161 -7.75 -13.44 -1.77
N THR B 162 -8.27 -13.92 -2.89
CA THR B 162 -9.69 -14.09 -3.06
C THR B 162 -10.05 -15.56 -3.15
N ASN B 163 -11.31 -15.87 -2.86
CA ASN B 163 -11.85 -17.22 -3.09
C ASN B 163 -11.39 -18.23 -2.03
N VAL B 164 -10.12 -18.59 -2.03
CA VAL B 164 -9.55 -19.44 -0.99
C VAL B 164 -8.74 -18.52 -0.06
N THR B 165 -9.23 -18.30 1.16
CA THR B 165 -8.59 -17.35 2.07
C THR B 165 -8.24 -17.91 3.42
N GLU B 166 -8.44 -19.20 3.63
CA GLU B 166 -8.12 -19.83 4.89
C GLU B 166 -7.07 -20.90 4.70
N PHE B 167 -6.16 -21.00 5.66
CA PHE B 167 -5.05 -21.94 5.55
C PHE B 167 -5.53 -23.35 5.85
N GLU B 168 -5.08 -24.27 5.02
CA GLU B 168 -5.39 -25.69 5.14
C GLU B 168 -4.25 -26.38 5.87
N TYR B 169 -4.53 -26.88 7.08
CA TYR B 169 -3.51 -27.52 7.93
C TYR B 169 -2.70 -28.61 7.21
N GLU B 170 -3.41 -29.42 6.39
CA GLU B 170 -2.79 -30.55 5.74
C GLU B 170 -1.75 -30.10 4.73
N ILE B 171 -2.01 -28.98 4.04
CA ILE B 171 -1.07 -28.46 3.07
C ILE B 171 0.23 -28.08 3.76
N LEU B 172 0.12 -27.44 4.92
CA LEU B 172 1.32 -27.06 5.67
C LEU B 172 2.02 -28.29 6.24
N ALA B 173 1.27 -29.22 6.81
CA ALA B 173 1.87 -30.41 7.44
C ALA B 173 2.62 -31.28 6.45
N LYS B 174 2.02 -31.55 5.31
CA LYS B 174 2.67 -32.35 4.26
C LYS B 174 4.02 -31.79 3.87
N ARG B 175 4.02 -30.50 3.55
CA ARG B 175 5.24 -29.82 3.16
C ARG B 175 6.26 -29.68 4.29
N LEU B 176 5.83 -29.32 5.49
CA LEU B 176 6.76 -29.23 6.61
C LEU B 176 7.42 -30.58 6.91
N ARG B 177 6.66 -31.65 6.75
CA ARG B 177 7.19 -33.01 6.87
C ARG B 177 8.30 -33.22 5.83
N GLU B 178 8.02 -32.89 4.57
CA GLU B 178 9.04 -33.07 3.52
C GLU B 178 10.27 -32.26 3.82
N LEU B 179 10.08 -31.03 4.33
CA LEU B 179 11.18 -30.14 4.66
C LEU B 179 12.07 -30.68 5.77
N SER B 180 11.48 -31.34 6.75
CA SER B 180 12.25 -31.85 7.88
C SER B 180 13.37 -32.78 7.45
N PHE B 181 13.11 -33.63 6.47
CA PHE B 181 14.14 -34.57 5.98
C PHE B 181 15.31 -33.93 5.22
N LEU B 182 15.12 -32.72 4.69
CA LEU B 182 16.23 -31.98 4.06
C LEU B 182 16.96 -31.06 4.99
N ASN B 183 16.43 -30.88 6.19
CA ASN B 183 17.02 -30.00 7.16
C ASN B 183 17.32 -30.69 8.46
N SER B 184 18.43 -31.39 8.47
CA SER B 184 18.83 -32.18 9.61
C SER B 184 19.08 -31.41 10.88
N GLY B 185 18.45 -31.88 11.92
CA GLY B 185 18.58 -31.29 13.20
C GLY B 185 17.59 -30.21 13.51
N VAL B 186 16.80 -29.81 12.54
CA VAL B 186 15.88 -28.72 12.74
C VAL B 186 14.55 -29.23 13.23
N SER B 187 14.13 -28.81 14.40
CA SER B 187 12.83 -29.21 14.92
C SER B 187 11.76 -28.28 14.37
N ILE B 188 10.72 -28.84 13.76
CA ILE B 188 9.65 -28.04 13.20
C ILE B 188 8.34 -28.41 13.89
N ARG B 189 7.75 -27.47 14.61
CA ARG B 189 6.46 -27.69 15.28
C ARG B 189 5.38 -26.97 14.52
N LEU B 190 4.21 -27.59 14.38
CA LEU B 190 3.08 -27.00 13.69
C LEU B 190 1.88 -27.10 14.66
N ARG B 191 1.20 -25.99 14.90
CA ARG B 191 0.05 -25.93 15.78
C ARG B 191 -1.09 -25.20 15.08
N ASP B 192 -2.28 -25.77 15.15
CA ASP B 192 -3.44 -25.15 14.59
C ASP B 192 -4.29 -24.74 15.78
N LYS B 193 -4.39 -23.44 16.04
CA LYS B 193 -5.19 -22.94 17.15
C LYS B 193 -6.72 -22.98 16.87
N ARG B 194 -7.12 -23.24 15.65
CA ARG B 194 -8.51 -23.34 15.34
C ARG B 194 -9.15 -24.63 15.92
N ASP B 195 -8.40 -25.73 15.96
CA ASP B 195 -8.91 -26.99 16.52
C ASP B 195 -7.98 -27.70 17.49
N GLY B 196 -6.84 -27.10 17.83
CA GLY B 196 -5.87 -27.72 18.73
C GLY B 196 -4.95 -28.76 18.12
N LYS B 197 -5.10 -29.04 16.82
CA LYS B 197 -4.27 -30.05 16.19
C LYS B 197 -2.79 -29.64 16.21
N GLU B 198 -1.88 -30.54 16.54
CA GLU B 198 -0.45 -30.24 16.41
C GLU B 198 0.40 -31.40 15.94
N ASP B 199 1.55 -31.03 15.38
CA ASP B 199 2.52 -32.00 14.85
C ASP B 199 3.93 -31.56 15.16
N HIS B 200 4.82 -32.53 15.10
CA HIS B 200 6.20 -32.28 15.35
C HIS B 200 7.03 -33.08 14.37
N PHE B 201 7.78 -32.37 13.54
CA PHE B 201 8.64 -32.95 12.55
C PHE B 201 10.07 -32.62 12.91
N HIS B 202 10.83 -33.66 13.21
CA HIS B 202 12.18 -33.49 13.63
C HIS B 202 13.01 -34.68 13.12
N TYR B 203 13.81 -34.45 12.10
CA TYR B 203 14.67 -35.45 11.54
C TYR B 203 16.08 -35.19 11.98
N GLU B 204 16.70 -36.16 12.63
CA GLU B 204 18.03 -35.96 13.14
C GLU B 204 19.17 -36.59 12.39
N GLY B 205 18.90 -37.05 11.19
CA GLY B 205 19.88 -37.65 10.31
C GLY B 205 21.03 -36.79 9.93
N GLY B 206 22.15 -37.43 9.64
CA GLY B 206 23.37 -36.74 9.34
C GLY B 206 24.16 -36.51 10.62
#